data_3ZD1
#
_entry.id   3ZD1
#
_cell.length_a   52.950
_cell.length_b   25.180
_cell.length_c   95.680
_cell.angle_alpha   90.00
_cell.angle_beta   93.80
_cell.angle_gamma   90.00
#
_symmetry.space_group_name_H-M   'P 1 2 1'
#
loop_
_entity.id
_entity.type
_entity.pdbx_description
1 polymer 'COMPLEMENT FACTOR H-RELATED PROTEIN 2'
2 non-polymer 1,2-ETHANEDIOL
3 water water
#
_entity_poly.entity_id   1
_entity_poly.type   'polypeptide(L)'
_entity_poly.pdbx_seq_one_letter_code
;MGEKCGPPPPIDNGDITSFLLSVYAPGSSVEYQCQNLYQLEGNNQITCRNGQWSEPPKCLDPCVISQEIMEKYNIKLKWT
NQQKLYSRTGDIVEFVCKSGYHPTKSHSFRAMCQNGKLVYPSCEEK
;
_entity_poly.pdbx_strand_id   A,B
#
loop_
_chem_comp.id
_chem_comp.type
_chem_comp.name
_chem_comp.formula
EDO non-polymer 1,2-ETHANEDIOL 'C2 H6 O2'
#
# COMPACT_ATOMS: atom_id res chain seq x y z
N GLY A 2 -3.93 -12.69 21.34
CA GLY A 2 -2.58 -12.38 21.77
C GLY A 2 -2.35 -10.89 21.92
N GLU A 3 -1.06 -10.48 21.96
CA GLU A 3 -0.65 -9.08 22.10
C GLU A 3 -0.56 -8.34 20.77
N LYS A 4 -0.19 -9.05 19.70
CA LYS A 4 -0.05 -8.47 18.36
C LYS A 4 -1.43 -8.29 17.71
N CYS A 5 -1.59 -7.23 16.91
CA CYS A 5 -2.83 -6.94 16.18
C CYS A 5 -2.81 -7.43 14.75
N GLY A 6 -3.99 -7.62 14.17
CA GLY A 6 -4.12 -7.88 12.75
C GLY A 6 -4.20 -6.58 12.00
N PRO A 7 -4.60 -6.58 10.71
CA PRO A 7 -4.64 -5.32 9.96
C PRO A 7 -5.58 -4.29 10.60
N PRO A 8 -5.24 -3.00 10.51
CA PRO A 8 -6.13 -1.98 11.06
C PRO A 8 -7.46 -1.94 10.29
N PRO A 9 -8.59 -1.48 10.90
CA PRO A 9 -9.86 -1.49 10.16
C PRO A 9 -9.93 -0.46 9.04
N PRO A 10 -10.71 -0.70 8.00
CA PRO A 10 -10.84 0.32 6.97
C PRO A 10 -11.83 1.39 7.45
N ILE A 11 -11.87 2.54 6.79
CA ILE A 11 -12.88 3.58 7.04
C ILE A 11 -13.40 4.00 5.67
N ASP A 12 -14.70 4.33 5.55
CA ASP A 12 -15.22 4.81 4.26
C ASP A 12 -14.58 6.11 3.86
N ASN A 13 -14.12 6.20 2.58
CA ASN A 13 -13.54 7.40 1.97
C ASN A 13 -12.24 7.87 2.61
N GLY A 14 -11.50 6.92 3.17
CA GLY A 14 -10.20 7.19 3.81
C GLY A 14 -9.37 5.93 3.83
N ASP A 15 -8.13 6.06 4.29
CA ASP A 15 -7.22 4.94 4.39
C ASP A 15 -6.07 5.28 5.32
N ILE A 16 -5.25 4.28 5.64
CA ILE A 16 -4.09 4.51 6.51
C ILE A 16 -3.00 5.21 5.71
N THR A 17 -2.06 5.88 6.38
CA THR A 17 -0.98 6.63 5.70
C THR A 17 0.29 5.81 5.45
N SER A 18 0.32 4.56 5.90
CA SER A 18 1.49 3.70 5.74
C SER A 18 1.09 2.44 4.95
N PHE A 19 2.08 1.63 4.56
CA PHE A 19 1.86 0.39 3.83
C PHE A 19 1.25 -0.66 4.77
N LEU A 20 0.14 -1.27 4.33
CA LEU A 20 -0.59 -2.24 5.14
C LEU A 20 0.22 -3.50 5.46
N LEU A 21 0.29 -3.87 6.76
CA LEU A 21 0.96 -5.10 7.22
C LEU A 21 -0.14 -6.06 7.64
N SER A 22 0.19 -7.36 7.75
CA SER A 22 -0.79 -8.32 8.24
C SER A 22 -0.79 -8.38 9.76
N VAL A 23 0.38 -8.11 10.39
CA VAL A 23 0.59 -8.22 11.82
C VAL A 23 1.35 -6.99 12.33
N TYR A 24 0.92 -6.44 13.48
CA TYR A 24 1.53 -5.26 14.10
C TYR A 24 2.00 -5.59 15.52
N ALA A 25 3.14 -5.00 15.94
CA ALA A 25 3.63 -5.20 17.30
C ALA A 25 2.70 -4.50 18.28
N PRO A 26 2.55 -4.98 19.55
CA PRO A 26 1.74 -4.21 20.51
C PRO A 26 2.35 -2.82 20.68
N GLY A 27 1.49 -1.83 20.82
CA GLY A 27 1.93 -0.45 20.96
C GLY A 27 2.07 0.28 19.64
N SER A 28 2.01 -0.45 18.50
CA SER A 28 2.06 0.18 17.17
C SER A 28 0.89 1.16 16.97
N SER A 29 1.14 2.24 16.25
CA SER A 29 0.14 3.20 15.89
C SER A 29 0.13 3.39 14.39
N VAL A 30 -1.08 3.60 13.84
CA VAL A 30 -1.24 3.93 12.42
C VAL A 30 -2.14 5.17 12.39
N GLU A 31 -2.04 5.96 11.34
CA GLU A 31 -2.84 7.17 11.21
C GLU A 31 -3.65 7.08 9.91
N TYR A 32 -4.79 7.78 9.86
CA TYR A 32 -5.68 7.78 8.71
C TYR A 32 -5.70 9.15 8.06
N GLN A 33 -6.02 9.18 6.77
CA GLN A 33 -6.20 10.40 5.98
C GLN A 33 -7.49 10.19 5.17
N CYS A 34 -8.25 11.25 4.96
CA CYS A 34 -9.49 11.11 4.19
C CYS A 34 -9.23 11.41 2.73
N GLN A 35 -10.10 10.92 1.85
CA GLN A 35 -10.09 11.08 0.38
C GLN A 35 -10.22 12.58 0.08
N ASN A 36 -9.71 13.06 -1.08
CA ASN A 36 -9.85 14.46 -1.51
C ASN A 36 -11.32 14.92 -1.36
N LEU A 37 -11.54 16.00 -0.59
CA LEU A 37 -12.84 16.63 -0.29
C LEU A 37 -13.55 16.12 0.96
N TYR A 38 -13.07 14.98 1.52
CA TYR A 38 -13.67 14.43 2.73
C TYR A 38 -12.91 14.97 3.95
N GLN A 39 -13.61 15.14 5.08
CA GLN A 39 -13.03 15.73 6.29
C GLN A 39 -12.94 14.74 7.42
N LEU A 40 -11.73 14.56 7.96
CA LEU A 40 -11.43 13.67 9.09
C LEU A 40 -12.14 14.19 10.36
N GLU A 41 -12.87 13.32 11.06
CA GLU A 41 -13.52 13.65 12.32
C GLU A 41 -13.11 12.61 13.34
N GLY A 42 -12.54 13.09 14.45
CA GLY A 42 -12.02 12.26 15.53
C GLY A 42 -10.51 12.14 15.46
N ASN A 43 -9.92 11.44 16.44
CA ASN A 43 -8.46 11.24 16.48
C ASN A 43 -8.07 10.44 15.22
N ASN A 44 -7.13 10.96 14.44
CA ASN A 44 -6.73 10.30 13.19
C ASN A 44 -5.81 9.13 13.42
N GLN A 45 -5.38 8.93 14.67
CA GLN A 45 -4.47 7.86 15.07
C GLN A 45 -5.14 6.77 15.92
N ILE A 46 -4.77 5.51 15.62
CA ILE A 46 -5.22 4.33 16.38
C ILE A 46 -4.01 3.59 16.89
N THR A 47 -4.15 2.88 18.01
CA THR A 47 -3.06 2.15 18.63
C THR A 47 -3.46 0.74 18.93
N CYS A 48 -2.51 -0.19 18.74
CA CYS A 48 -2.68 -1.60 19.01
C CYS A 48 -2.39 -1.82 20.50
N ARG A 49 -3.36 -2.29 21.28
CA ARG A 49 -3.15 -2.60 22.70
C ARG A 49 -3.82 -3.93 23.03
N ASN A 50 -3.02 -4.88 23.52
CA ASN A 50 -3.47 -6.24 23.87
C ASN A 50 -4.27 -6.92 22.73
N GLY A 51 -3.73 -6.80 21.50
CA GLY A 51 -4.33 -7.45 20.34
C GLY A 51 -5.51 -6.76 19.69
N GLN A 52 -5.87 -5.57 20.11
CA GLN A 52 -7.01 -4.81 19.55
C GLN A 52 -6.66 -3.37 19.23
N TRP A 53 -7.21 -2.87 18.12
CA TRP A 53 -7.03 -1.49 17.71
C TRP A 53 -8.02 -0.59 18.43
N SER A 54 -7.62 0.65 18.70
CA SER A 54 -8.54 1.63 19.29
C SER A 54 -9.47 2.11 18.16
N GLU A 55 -10.49 2.91 18.49
CA GLU A 55 -11.50 3.34 17.51
C GLU A 55 -10.97 4.24 16.39
N PRO A 56 -11.17 3.86 15.10
CA PRO A 56 -10.71 4.72 14.00
C PRO A 56 -11.61 5.96 13.80
N PRO A 57 -11.11 7.02 13.13
CA PRO A 57 -11.95 8.21 12.88
C PRO A 57 -12.98 7.97 11.74
N LYS A 58 -13.77 8.99 11.42
CA LYS A 58 -14.74 8.96 10.32
C LYS A 58 -14.33 10.03 9.31
N CYS A 59 -14.79 9.90 8.05
CA CYS A 59 -14.55 10.89 7.00
C CYS A 59 -15.90 11.47 6.63
N LEU A 60 -16.07 12.75 6.90
CA LEU A 60 -17.32 13.46 6.64
C LEU A 60 -17.42 13.86 5.15
N ASP A 61 -18.60 13.62 4.55
CA ASP A 61 -18.87 13.86 3.13
C ASP A 61 -18.91 15.31 2.68
N PRO A 62 -18.45 15.62 1.44
CA PRO A 62 -18.64 17.01 0.93
C PRO A 62 -20.09 17.14 0.44
N CYS A 63 -20.54 18.37 0.16
CA CYS A 63 -21.88 18.62 -0.36
C CYS A 63 -21.69 18.92 -1.85
N VAL A 64 -22.65 18.51 -2.68
CA VAL A 64 -22.65 18.82 -4.11
C VAL A 64 -23.64 19.97 -4.25
N ILE A 65 -23.25 21.13 -4.79
CA ILE A 65 -24.16 22.27 -4.94
C ILE A 65 -25.15 21.95 -6.02
N SER A 66 -26.44 22.04 -5.67
CA SER A 66 -27.52 21.61 -6.53
C SER A 66 -28.12 22.73 -7.34
N GLN A 67 -27.95 22.66 -8.68
CA GLN A 67 -28.53 23.61 -9.63
C GLN A 67 -30.06 23.52 -9.57
N GLU A 68 -30.60 22.28 -9.48
CA GLU A 68 -32.03 21.99 -9.42
C GLU A 68 -32.68 22.59 -8.19
N ILE A 69 -32.07 22.42 -6.96
CA ILE A 69 -32.62 22.99 -5.72
C ILE A 69 -32.59 24.53 -5.78
N MET A 70 -31.49 25.13 -6.33
CA MET A 70 -31.44 26.59 -6.46
C MET A 70 -32.56 27.10 -7.40
N GLU A 71 -32.75 26.42 -8.54
CA GLU A 71 -33.81 26.79 -9.50
C GLU A 71 -35.23 26.67 -8.84
N LYS A 72 -35.47 25.59 -8.08
CA LYS A 72 -36.72 25.32 -7.33
C LYS A 72 -37.05 26.48 -6.40
N TYR A 73 -36.05 26.93 -5.63
CA TYR A 73 -36.19 27.95 -4.60
C TYR A 73 -35.92 29.38 -4.99
N ASN A 74 -35.77 29.64 -6.28
CA ASN A 74 -35.59 30.99 -6.87
C ASN A 74 -34.37 31.71 -6.34
N ILE A 75 -33.30 30.95 -6.07
CA ILE A 75 -32.06 31.50 -5.52
C ILE A 75 -30.91 31.30 -6.45
N LYS A 76 -29.79 31.94 -6.12
CA LYS A 76 -28.57 31.77 -6.90
C LYS A 76 -27.43 32.00 -5.97
N LEU A 77 -26.23 31.59 -6.40
CA LEU A 77 -25.04 31.81 -5.60
C LEU A 77 -24.68 33.26 -5.56
N LYS A 78 -24.15 33.74 -4.42
CA LYS A 78 -23.69 35.12 -4.28
C LYS A 78 -22.48 35.33 -5.18
N TRP A 79 -21.62 34.31 -5.30
CA TRP A 79 -20.40 34.37 -6.12
C TRP A 79 -20.39 33.22 -7.11
N THR A 80 -21.15 33.39 -8.21
CA THR A 80 -21.30 32.38 -9.27
C THR A 80 -19.96 32.04 -9.95
N ASN A 81 -19.09 33.04 -10.12
CA ASN A 81 -17.75 32.94 -10.74
C ASN A 81 -16.74 32.10 -9.90
N GLN A 82 -16.97 31.91 -8.59
CA GLN A 82 -15.99 31.25 -7.71
C GLN A 82 -16.39 29.89 -7.19
N GLN A 83 -17.68 29.67 -6.99
CA GLN A 83 -18.21 28.45 -6.39
C GLN A 83 -17.83 27.14 -7.09
N LYS A 84 -17.18 26.24 -6.33
CA LYS A 84 -16.82 24.90 -6.80
C LYS A 84 -18.09 24.05 -6.74
N LEU A 85 -18.18 23.01 -7.58
CA LEU A 85 -19.26 22.06 -7.61
C LEU A 85 -19.38 21.35 -6.24
N TYR A 86 -18.22 20.99 -5.64
CA TYR A 86 -18.17 20.33 -4.33
C TYR A 86 -17.73 21.26 -3.23
N SER A 87 -18.43 21.19 -2.10
CA SER A 87 -18.20 21.97 -0.89
C SER A 87 -17.79 20.98 0.21
N ARG A 88 -16.64 21.17 0.82
CA ARG A 88 -16.17 20.33 1.94
C ARG A 88 -17.06 20.55 3.14
N THR A 89 -17.20 19.56 4.03
CA THR A 89 -17.93 19.75 5.31
C THR A 89 -17.26 20.91 6.07
N GLY A 90 -18.07 21.81 6.61
CA GLY A 90 -17.55 22.97 7.33
C GLY A 90 -17.45 24.22 6.48
N ASP A 91 -17.48 24.09 5.12
CA ASP A 91 -17.45 25.25 4.23
C ASP A 91 -18.81 25.94 4.25
N ILE A 92 -18.80 27.27 4.03
CA ILE A 92 -20.02 28.10 4.00
C ILE A 92 -20.35 28.45 2.55
N VAL A 93 -21.60 28.21 2.17
CA VAL A 93 -22.11 28.52 0.84
C VAL A 93 -23.09 29.69 1.01
N GLU A 94 -22.83 30.78 0.28
CA GLU A 94 -23.66 31.99 0.35
C GLU A 94 -24.57 32.11 -0.87
N PHE A 95 -25.85 32.40 -0.62
CA PHE A 95 -26.83 32.57 -1.70
C PHE A 95 -27.47 33.96 -1.65
N VAL A 96 -28.12 34.34 -2.75
CA VAL A 96 -28.90 35.58 -2.86
C VAL A 96 -30.15 35.17 -3.66
N CYS A 97 -31.14 36.06 -3.72
CA CYS A 97 -32.35 35.82 -4.52
C CYS A 97 -31.99 35.99 -5.99
N LYS A 98 -32.69 35.28 -6.87
CA LYS A 98 -32.62 35.49 -8.31
C LYS A 98 -33.33 36.84 -8.54
N SER A 99 -33.01 37.56 -9.63
CA SER A 99 -33.59 38.88 -9.88
C SER A 99 -35.11 38.84 -9.99
N GLY A 100 -35.75 39.76 -9.27
CA GLY A 100 -37.19 39.87 -9.21
C GLY A 100 -37.83 38.94 -8.19
N TYR A 101 -37.02 38.43 -7.22
CA TYR A 101 -37.50 37.57 -6.15
C TYR A 101 -37.14 38.16 -4.79
N HIS A 102 -37.91 37.83 -3.77
CA HIS A 102 -37.69 38.40 -2.43
C HIS A 102 -37.47 37.29 -1.43
N PRO A 103 -36.59 37.49 -0.43
CA PRO A 103 -36.31 36.42 0.53
C PRO A 103 -37.46 36.03 1.45
N THR A 104 -37.58 34.72 1.72
CA THR A 104 -38.53 34.19 2.68
C THR A 104 -37.74 34.08 3.99
N LYS A 105 -38.44 33.81 5.11
CA LYS A 105 -37.80 33.67 6.43
C LYS A 105 -37.49 32.21 6.75
N SER A 106 -37.53 31.37 5.71
CA SER A 106 -37.35 29.94 5.85
C SER A 106 -36.03 29.49 6.49
N HIS A 107 -34.91 29.87 5.87
CA HIS A 107 -33.57 29.46 6.32
C HIS A 107 -32.58 30.56 6.01
N SER A 108 -31.39 30.50 6.66
CA SER A 108 -30.30 31.45 6.45
C SER A 108 -29.81 31.40 5.00
N PHE A 109 -29.35 32.55 4.49
CA PHE A 109 -28.74 32.63 3.15
C PHE A 109 -27.22 32.29 3.19
N ARG A 110 -26.70 32.11 4.42
CA ARG A 110 -25.35 31.72 4.73
C ARG A 110 -25.48 30.28 5.27
N ALA A 111 -25.21 29.28 4.40
CA ALA A 111 -25.41 27.88 4.73
C ALA A 111 -24.10 27.12 4.89
N MET A 112 -23.98 26.29 5.93
CA MET A 112 -22.79 25.51 6.19
C MET A 112 -22.97 24.08 5.67
N CYS A 113 -21.98 23.55 4.92
CA CYS A 113 -22.04 22.17 4.46
C CYS A 113 -21.76 21.25 5.65
N GLN A 114 -22.62 20.24 5.88
CA GLN A 114 -22.42 19.30 6.98
C GLN A 114 -22.62 17.87 6.54
N ASN A 115 -21.51 17.13 6.40
CA ASN A 115 -21.55 15.71 6.02
C ASN A 115 -22.50 15.36 4.87
N GLY A 116 -22.39 16.09 3.76
CA GLY A 116 -23.23 15.85 2.60
C GLY A 116 -24.54 16.64 2.56
N LYS A 117 -24.92 17.25 3.70
CA LYS A 117 -26.18 18.02 3.85
C LYS A 117 -25.96 19.55 3.76
N LEU A 118 -26.76 20.19 2.92
CA LEU A 118 -26.73 21.66 2.80
C LEU A 118 -28.17 22.15 2.84
N VAL A 119 -28.50 23.07 3.77
CA VAL A 119 -29.86 23.62 3.89
C VAL A 119 -29.90 24.90 3.04
N TYR A 120 -30.75 24.89 2.01
CA TYR A 120 -30.93 25.97 1.05
C TYR A 120 -32.02 26.98 1.47
N PRO A 121 -31.73 28.31 1.40
CA PRO A 121 -32.78 29.32 1.66
C PRO A 121 -33.75 29.37 0.46
N SER A 122 -34.76 30.24 0.52
CA SER A 122 -35.65 30.32 -0.64
C SER A 122 -36.14 31.75 -0.85
N CYS A 123 -36.60 32.04 -2.06
CA CYS A 123 -37.10 33.37 -2.41
C CYS A 123 -38.46 33.20 -3.11
N GLU A 124 -39.33 34.23 -3.04
CA GLU A 124 -40.66 34.15 -3.69
C GLU A 124 -41.02 35.39 -4.53
N GLU A 125 -41.93 35.21 -5.53
CA GLU A 125 -42.49 36.24 -6.43
C GLU A 125 -41.45 36.87 -7.35
N GLY B 2 30.52 -43.92 13.45
CA GLY B 2 31.86 -43.62 13.95
C GLY B 2 32.13 -42.14 14.07
N GLU B 3 33.40 -41.73 14.09
CA GLU B 3 33.84 -40.33 14.18
C GLU B 3 33.91 -39.60 12.84
N LYS B 4 34.26 -40.32 11.78
CA LYS B 4 34.39 -39.75 10.44
C LYS B 4 33.01 -39.58 9.80
N CYS B 5 32.84 -38.55 8.97
CA CYS B 5 31.59 -38.26 8.25
C CYS B 5 31.63 -38.77 6.82
N GLY B 6 30.44 -38.94 6.24
CA GLY B 6 30.33 -39.23 4.83
C GLY B 6 30.24 -37.94 4.08
N PRO B 7 29.80 -37.94 2.80
CA PRO B 7 29.75 -36.70 2.03
C PRO B 7 28.81 -35.66 2.65
N PRO B 8 29.16 -34.36 2.56
CA PRO B 8 28.27 -33.33 3.10
C PRO B 8 26.93 -33.30 2.34
N PRO B 9 25.81 -32.86 2.96
CA PRO B 9 24.53 -32.84 2.22
C PRO B 9 24.48 -31.82 1.08
N PRO B 10 23.69 -32.07 0.04
CA PRO B 10 23.53 -31.05 -1.00
C PRO B 10 22.54 -29.99 -0.51
N ILE B 11 22.50 -28.82 -1.16
CA ILE B 11 21.48 -27.78 -0.90
C ILE B 11 20.94 -27.38 -2.28
N ASP B 12 19.64 -27.08 -2.41
CA ASP B 12 19.14 -26.65 -3.71
C ASP B 12 19.75 -25.32 -4.09
N ASN B 13 20.20 -25.21 -5.37
CA ASN B 13 20.78 -24.01 -5.99
C ASN B 13 22.09 -23.53 -5.36
N GLY B 14 22.83 -24.46 -4.78
CA GLY B 14 24.12 -24.19 -4.17
C GLY B 14 24.97 -25.44 -4.13
N ASP B 15 26.21 -25.29 -3.70
CA ASP B 15 27.13 -26.41 -3.59
C ASP B 15 28.28 -26.08 -2.67
N ILE B 16 29.10 -27.06 -2.36
CA ILE B 16 30.26 -26.84 -1.50
C ILE B 16 31.36 -26.15 -2.30
N THR B 17 32.30 -25.49 -1.62
CA THR B 17 33.37 -24.76 -2.32
C THR B 17 34.64 -25.58 -2.59
N SER B 18 34.68 -26.82 -2.13
CA SER B 18 35.83 -27.70 -2.27
C SER B 18 35.42 -28.97 -3.02
N PHE B 19 36.41 -29.77 -3.46
CA PHE B 19 36.16 -31.00 -4.16
C PHE B 19 35.56 -32.06 -3.21
N LEU B 20 34.43 -32.66 -3.62
CA LEU B 20 33.72 -33.64 -2.81
C LEU B 20 34.54 -34.90 -2.49
N LEU B 21 34.63 -35.25 -1.19
CA LEU B 21 35.31 -36.48 -0.72
C LEU B 21 34.24 -37.45 -0.27
N SER B 22 34.58 -38.74 -0.14
CA SER B 22 33.60 -39.71 0.33
C SER B 22 33.62 -39.76 1.87
N VAL B 23 34.80 -39.48 2.48
CA VAL B 23 35.04 -39.57 3.91
C VAL B 23 35.79 -38.30 4.40
N TYR B 24 35.37 -37.77 5.54
CA TYR B 24 35.96 -36.57 6.17
C TYR B 24 36.42 -36.86 7.58
N ALA B 25 37.56 -36.27 8.00
CA ALA B 25 38.07 -36.46 9.35
C ALA B 25 37.13 -35.76 10.33
N PRO B 26 36.99 -36.22 11.60
CA PRO B 26 36.19 -35.44 12.55
C PRO B 26 36.80 -34.05 12.71
N GLY B 27 35.93 -33.05 12.81
CA GLY B 27 36.34 -31.66 12.96
C GLY B 27 36.50 -30.96 11.63
N SER B 28 36.44 -31.70 10.49
CA SER B 28 36.48 -31.10 9.17
C SER B 28 35.33 -30.12 8.95
N SER B 29 35.58 -29.04 8.22
CA SER B 29 34.55 -28.08 7.87
C SER B 29 34.52 -27.92 6.37
N VAL B 30 33.32 -27.74 5.80
CA VAL B 30 33.13 -27.43 4.39
C VAL B 30 32.23 -26.20 4.35
N GLU B 31 32.36 -25.37 3.32
CA GLU B 31 31.54 -24.16 3.19
C GLU B 31 30.73 -24.28 1.91
N TYR B 32 29.60 -23.58 1.86
CA TYR B 32 28.70 -23.58 0.70
C TYR B 32 28.67 -22.20 0.07
N GLN B 33 28.32 -22.17 -1.21
CA GLN B 33 28.11 -20.96 -1.98
C GLN B 33 26.80 -21.17 -2.77
N CYS B 34 26.01 -20.13 -2.96
CA CYS B 34 24.78 -20.27 -3.74
C CYS B 34 25.09 -19.95 -5.19
N GLN B 35 24.31 -20.50 -6.12
CA GLN B 35 24.47 -20.22 -7.56
C GLN B 35 24.14 -18.74 -7.78
N ASN B 36 24.57 -18.21 -8.93
CA ASN B 36 24.39 -16.80 -9.34
C ASN B 36 22.99 -16.28 -9.04
N LEU B 37 22.89 -15.15 -8.32
CA LEU B 37 21.64 -14.46 -7.97
C LEU B 37 20.81 -15.09 -6.86
N TYR B 38 21.23 -16.28 -6.36
CA TYR B 38 20.58 -16.91 -5.21
C TYR B 38 21.31 -16.36 -3.99
N GLN B 39 20.60 -16.20 -2.89
CA GLN B 39 21.16 -15.58 -1.69
C GLN B 39 21.27 -16.58 -0.56
N LEU B 40 22.48 -16.75 -0.04
CA LEU B 40 22.80 -17.66 1.08
C LEU B 40 22.11 -17.14 2.35
N GLU B 41 21.39 -18.03 3.04
CA GLU B 41 20.74 -17.72 4.31
C GLU B 41 21.18 -18.76 5.34
N GLY B 42 21.73 -18.29 6.46
CA GLY B 42 22.29 -19.13 7.52
C GLY B 42 23.81 -19.20 7.44
N ASN B 43 24.43 -19.89 8.41
CA ASN B 43 25.89 -20.10 8.46
C ASN B 43 26.29 -20.88 7.18
N ASN B 44 27.22 -20.36 6.41
CA ASN B 44 27.62 -21.02 5.15
C ASN B 44 28.56 -22.19 5.39
N GLN B 45 28.99 -22.38 6.66
CA GLN B 45 29.92 -23.44 7.04
C GLN B 45 29.28 -24.54 7.89
N ILE B 46 29.64 -25.80 7.60
CA ILE B 46 29.19 -26.98 8.37
C ILE B 46 30.41 -27.71 8.86
N THR B 47 30.29 -28.42 9.99
CA THR B 47 31.38 -29.13 10.61
C THR B 47 30.98 -30.54 10.91
N CYS B 48 31.91 -31.48 10.72
CA CYS B 48 31.76 -32.89 11.00
C CYS B 48 32.06 -33.08 12.50
N ARG B 49 31.09 -33.56 13.28
CA ARG B 49 31.32 -33.84 14.70
C ARG B 49 30.69 -35.18 15.06
N ASN B 50 31.49 -36.11 15.55
CA ASN B 50 31.05 -37.46 15.92
C ASN B 50 30.23 -38.15 14.81
N GLY B 51 30.73 -38.08 13.57
CA GLY B 51 30.12 -38.74 12.44
C GLY B 51 28.92 -38.06 11.78
N GLN B 52 28.58 -36.86 12.20
CA GLN B 52 27.45 -36.10 11.63
C GLN B 52 27.81 -34.68 11.27
N TRP B 53 27.23 -34.19 10.17
CA TRP B 53 27.40 -32.80 9.74
C TRP B 53 26.43 -31.89 10.47
N SER B 54 26.83 -30.64 10.70
CA SER B 54 25.93 -29.66 11.30
C SER B 54 24.98 -29.18 10.19
N GLU B 55 24.01 -28.34 10.52
CA GLU B 55 22.99 -27.91 9.55
C GLU B 55 23.50 -27.07 8.40
N PRO B 56 23.25 -27.44 7.13
CA PRO B 56 23.70 -26.60 6.01
C PRO B 56 22.79 -25.36 5.82
N PRO B 57 23.28 -24.29 5.13
CA PRO B 57 22.41 -23.13 4.87
C PRO B 57 21.38 -23.39 3.75
N LYS B 58 20.56 -22.37 3.43
CA LYS B 58 19.59 -22.43 2.33
C LYS B 58 19.97 -21.34 1.30
N CYS B 59 19.47 -21.45 0.06
CA CYS B 59 19.69 -20.46 -0.98
C CYS B 59 18.34 -19.88 -1.33
N LEU B 60 18.14 -18.58 -1.06
CA LEU B 60 16.87 -17.86 -1.32
C LEU B 60 16.78 -17.49 -2.80
N ASP B 61 15.61 -17.76 -3.41
CA ASP B 61 15.39 -17.61 -4.85
C ASP B 61 15.38 -16.19 -5.37
N PRO B 62 15.91 -15.97 -6.60
CA PRO B 62 15.75 -14.67 -7.23
C PRO B 62 14.34 -14.62 -7.86
N CYS B 63 13.89 -13.44 -8.29
CA CYS B 63 12.59 -13.31 -8.97
C CYS B 63 12.85 -13.14 -10.46
N VAL B 64 11.94 -13.65 -11.29
CA VAL B 64 12.06 -13.51 -12.73
C VAL B 64 11.11 -12.35 -13.13
N ILE B 65 11.59 -11.47 -13.98
CA ILE B 65 10.74 -10.39 -14.49
C ILE B 65 9.98 -10.95 -15.70
N SER B 66 8.66 -10.85 -15.70
CA SER B 66 7.85 -11.41 -16.79
C SER B 66 7.26 -10.34 -17.73
N GLN B 67 7.59 -10.44 -19.04
CA GLN B 67 7.06 -9.56 -20.08
C GLN B 67 5.52 -9.70 -20.15
N GLU B 68 5.02 -10.95 -20.14
CA GLU B 68 3.59 -11.26 -20.23
C GLU B 68 2.78 -10.61 -19.10
N ILE B 69 3.27 -10.68 -17.87
CA ILE B 69 2.62 -10.03 -16.72
C ILE B 69 2.66 -8.48 -16.86
N MET B 70 3.79 -7.92 -17.31
CA MET B 70 3.82 -6.46 -17.51
C MET B 70 2.79 -6.01 -18.57
N GLU B 71 2.68 -6.79 -19.68
CA GLU B 71 1.73 -6.53 -20.77
C GLU B 71 0.29 -6.60 -20.25
N LYS B 72 -0.03 -7.62 -19.43
CA LYS B 72 -1.33 -7.82 -18.76
C LYS B 72 -1.77 -6.58 -17.99
N TYR B 73 -0.84 -6.04 -17.17
CA TYR B 73 -1.13 -4.91 -16.28
C TYR B 73 -0.80 -3.52 -16.80
N ASN B 74 -0.47 -3.43 -18.13
CA ASN B 74 -0.15 -2.17 -18.83
C ASN B 74 1.02 -1.39 -18.21
N ILE B 75 2.07 -2.09 -17.80
CA ILE B 75 3.24 -1.43 -17.21
C ILE B 75 4.45 -1.73 -18.03
N LYS B 76 5.55 -1.05 -17.72
CA LYS B 76 6.83 -1.29 -18.32
C LYS B 76 7.89 -0.99 -17.28
N LEU B 77 9.12 -1.40 -17.54
CA LEU B 77 10.21 -1.11 -16.61
C LEU B 77 10.60 0.35 -16.69
N LYS B 78 10.96 0.94 -15.53
CA LYS B 78 11.43 2.32 -15.49
C LYS B 78 12.78 2.40 -16.23
N TRP B 79 13.62 1.38 -16.08
CA TRP B 79 14.95 1.33 -16.69
C TRP B 79 15.09 0.09 -17.54
N THR B 80 14.52 0.13 -18.75
CA THR B 80 14.53 -1.00 -19.70
C THR B 80 15.96 -1.41 -20.11
N ASN B 81 16.87 -0.41 -20.23
CA ASN B 81 18.29 -0.57 -20.61
C ASN B 81 19.14 -1.37 -19.63
N GLN B 82 18.85 -1.32 -18.32
CA GLN B 82 19.71 -1.98 -17.32
C GLN B 82 19.12 -3.22 -16.63
N GLN B 83 17.77 -3.34 -16.56
CA GLN B 83 17.10 -4.47 -15.90
C GLN B 83 17.55 -5.87 -16.35
N LYS B 84 18.06 -6.64 -15.40
CA LYS B 84 18.43 -8.03 -15.64
C LYS B 84 17.14 -8.88 -15.65
N LEU B 85 17.16 -10.03 -16.34
CA LEU B 85 16.02 -10.95 -16.36
C LEU B 85 15.67 -11.44 -14.91
N TYR B 86 16.73 -11.70 -14.11
CA TYR B 86 16.60 -12.16 -12.73
C TYR B 86 16.97 -11.07 -11.75
N SER B 87 16.14 -10.94 -10.70
CA SER B 87 16.28 -9.99 -9.60
C SER B 87 16.58 -10.79 -8.32
N ARG B 88 17.68 -10.48 -7.63
CA ARG B 88 18.05 -11.15 -6.37
C ARG B 88 17.03 -10.84 -5.30
N THR B 89 16.85 -11.74 -4.31
CA THR B 89 16.01 -11.46 -3.14
C THR B 89 16.52 -10.14 -2.46
N GLY B 90 15.59 -9.23 -2.14
CA GLY B 90 15.90 -7.94 -1.54
C GLY B 90 16.05 -6.81 -2.53
N ASP B 91 16.22 -7.12 -3.84
CA ASP B 91 16.34 -6.08 -4.88
C ASP B 91 14.96 -5.49 -5.17
N ILE B 92 14.95 -4.23 -5.60
CA ILE B 92 13.73 -3.50 -5.93
C ILE B 92 13.64 -3.37 -7.44
N VAL B 93 12.47 -3.74 -7.99
CA VAL B 93 12.19 -3.61 -9.41
C VAL B 93 11.21 -2.46 -9.57
N GLU B 94 11.58 -1.44 -10.36
CA GLU B 94 10.79 -0.24 -10.58
C GLU B 94 10.07 -0.29 -11.91
N PHE B 95 8.77 0.00 -11.87
CA PHE B 95 7.94 0.02 -13.08
C PHE B 95 7.33 1.41 -13.25
N VAL B 96 6.83 1.67 -14.46
CA VAL B 96 6.08 2.89 -14.80
C VAL B 96 4.91 2.41 -15.65
N CYS B 97 3.95 3.30 -15.91
CA CYS B 97 2.82 2.99 -16.78
C CYS B 97 3.30 2.98 -18.21
N LYS B 98 2.64 2.18 -19.05
CA LYS B 98 2.86 2.22 -20.49
C LYS B 98 2.19 3.56 -20.95
N SER B 99 2.63 4.14 -22.08
CA SER B 99 2.05 5.40 -22.57
C SER B 99 0.55 5.27 -22.78
N GLY B 100 -0.19 6.29 -22.32
CA GLY B 100 -1.64 6.35 -22.40
C GLY B 100 -2.33 5.64 -21.24
N TYR B 101 -1.60 5.31 -20.16
CA TYR B 101 -2.16 4.61 -19.00
C TYR B 101 -1.83 5.34 -17.73
N HIS B 102 -2.69 5.18 -16.75
CA HIS B 102 -2.62 5.86 -15.46
C HIS B 102 -2.53 4.85 -14.33
N PRO B 103 -1.75 5.16 -13.28
CA PRO B 103 -1.58 4.18 -12.20
C PRO B 103 -2.82 3.91 -11.36
N THR B 104 -2.99 2.64 -10.97
CA THR B 104 -4.03 2.22 -10.04
C THR B 104 -3.34 2.20 -8.66
N LYS B 105 -4.12 2.09 -7.57
CA LYS B 105 -3.57 2.07 -6.21
C LYS B 105 -3.44 0.63 -5.67
N SER B 106 -3.50 -0.40 -6.53
CA SER B 106 -3.43 -1.80 -6.10
C SER B 106 -2.10 -2.23 -5.44
N HIS B 107 -0.94 -1.90 -6.05
CA HIS B 107 0.36 -2.27 -5.49
C HIS B 107 1.40 -1.21 -5.82
N SER B 108 2.50 -1.19 -5.06
CA SER B 108 3.59 -0.25 -5.25
C SER B 108 4.25 -0.44 -6.62
N PHE B 109 4.81 0.64 -7.19
CA PHE B 109 5.53 0.61 -8.46
C PHE B 109 6.99 0.30 -8.23
N ARG B 110 7.40 0.19 -6.96
CA ARG B 110 8.73 -0.20 -6.52
C ARG B 110 8.52 -1.53 -5.80
N ALA B 111 8.63 -2.62 -6.55
CA ALA B 111 8.34 -3.95 -6.03
C ALA B 111 9.62 -4.59 -5.54
N MET B 112 9.60 -5.17 -4.33
CA MET B 112 10.76 -5.86 -3.77
C MET B 112 10.70 -7.35 -4.05
N CYS B 113 11.81 -7.91 -4.54
CA CYS B 113 11.86 -9.34 -4.76
C CYS B 113 12.05 -10.06 -3.39
N GLN B 114 11.23 -11.08 -3.12
CA GLN B 114 11.37 -11.85 -1.89
C GLN B 114 11.29 -13.35 -2.11
N ASN B 115 12.45 -14.05 -2.07
CA ASN B 115 12.56 -15.51 -2.26
C ASN B 115 11.67 -16.01 -3.42
N GLY B 116 11.83 -15.42 -4.61
CA GLY B 116 11.10 -15.83 -5.80
C GLY B 116 9.78 -15.15 -6.04
N LYS B 117 9.27 -14.40 -5.04
CA LYS B 117 7.98 -13.71 -5.13
C LYS B 117 8.13 -12.20 -5.46
N LEU B 118 7.44 -11.76 -6.51
CA LEU B 118 7.42 -10.35 -6.93
C LEU B 118 5.98 -9.99 -7.23
N VAL B 119 5.48 -8.94 -6.59
CA VAL B 119 4.11 -8.42 -6.79
C VAL B 119 4.17 -7.26 -7.81
N TYR B 120 3.36 -7.33 -8.88
CA TYR B 120 3.38 -6.27 -9.90
C TYR B 120 2.36 -5.17 -9.67
N PRO B 121 2.67 -3.90 -10.01
CA PRO B 121 1.62 -2.85 -9.95
C PRO B 121 0.75 -2.92 -11.23
N SER B 122 -0.23 -2.01 -11.38
CA SER B 122 -1.07 -2.03 -12.58
C SER B 122 -1.48 -0.65 -13.00
N CYS B 123 -1.69 -0.46 -14.31
CA CYS B 123 -2.13 0.82 -14.85
C CYS B 123 -3.42 0.61 -15.67
N GLU B 124 -4.23 1.67 -15.75
CA GLU B 124 -5.53 1.71 -16.45
C GLU B 124 -5.58 2.87 -17.44
N GLU B 125 -6.36 2.70 -18.53
CA GLU B 125 -6.54 3.71 -19.59
C GLU B 125 -7.07 5.05 -19.07
C1 EDO C . -6.50 6.52 23.44
O1 EDO C . -5.20 6.87 23.89
C2 EDO C . -6.50 6.34 21.92
O2 EDO C . -5.55 5.34 21.60
C1 EDO D . -31.65 35.92 -13.42
O1 EDO D . -32.59 35.16 -12.69
C2 EDO D . -30.42 36.06 -12.58
O2 EDO D . -30.91 36.50 -11.33
C1 EDO E . -10.10 12.10 -5.85
O1 EDO E . -10.39 13.46 -6.12
C2 EDO E . -11.32 11.24 -6.22
O2 EDO E . -11.60 11.42 -7.61
C1 EDO F . -11.96 -2.72 16.27
O1 EDO F . -11.41 -3.84 16.94
C2 EDO F . -10.80 -1.80 15.86
O2 EDO F . -11.23 -0.45 15.83
C1 EDO G . 3.43 5.53 18.65
O1 EDO G . 2.22 6.21 18.88
C2 EDO G . 3.23 4.18 19.29
O2 EDO G . 4.08 3.23 18.70
C1 EDO H . -1.98 0.79 2.87
O1 EDO H . -3.10 1.64 2.78
C2 EDO H . -1.74 0.11 1.49
O2 EDO H . -0.73 -0.84 1.57
C1 EDO I . 4.36 1.94 -23.99
O1 EDO I . 5.00 3.09 -23.48
C2 EDO I . 5.24 1.28 -25.02
O2 EDO I . 6.48 1.06 -24.42
C1 EDO J . 35.23 -43.45 11.87
O1 EDO J . 34.32 -44.14 11.03
C2 EDO J . 35.77 -44.39 12.96
O2 EDO J . 36.81 -43.71 13.62
C1 EDO K . 35.22 -26.19 13.89
O1 EDO K . 35.34 -24.93 13.25
C2 EDO K . 36.36 -27.10 13.39
O2 EDO K . 36.30 -28.37 14.00
C1 EDO L . 4.27 3.59 -5.99
O1 EDO L . 3.82 3.23 -4.69
C2 EDO L . 5.77 3.94 -5.94
O2 EDO L . 6.41 3.08 -5.03
#